data_7W0V
#
_entry.id   7W0V
#
loop_
_entity.id
_entity.type
_entity.pdbx_description
1 polymer "DNA (5'-D(*CP*CP*AP*TP*(DSW)P*AP*TP*AP*GP*C)-3')"
2 polymer "DNA (5'-D(*GP*CP*TP*AP*TP*AP*AP*TP*GP*G)-3')"
#
loop_
_entity_poly.entity_id
_entity_poly.type
_entity_poly.pdbx_seq_one_letter_code
_entity_poly.pdbx_strand_id
1 'polydeoxyribonucleotide' (DC)(DC)(DA)(DT)(84E)(DA)(DT)(DA)(DG)(DC) A
2 'polydeoxyribonucleotide' (DG)(DC)(DT)(DA)(DT)(DA)(DA)(DT)(DG)(DG) B
#
loop_
_chem_comp.id
_chem_comp.type
_chem_comp.name
_chem_comp.formula
84E DNA linking '[(2S,3S,5R)-5-[5-methyl-2,4-bis(oxidanylidene)pyrimidin-1-yl]-3-oxidanyl-2-(trifluoromethylsulfanyl)oxolan-2-yl]methyl dihydrogen phosphate' 'C11 H14 F3 N2 O8 P S'
DA DNA linking 2'-DEOXYADENOSINE-5'-MONOPHOSPHATE 'C10 H14 N5 O6 P'
DC DNA linking 2'-DEOXYCYTIDINE-5'-MONOPHOSPHATE 'C9 H14 N3 O7 P'
DG DNA linking 2'-DEOXYGUANOSINE-5'-MONOPHOSPHATE 'C10 H14 N5 O7 P'
DT DNA linking THYMIDINE-5'-MONOPHOSPHATE 'C10 H15 N2 O8 P'
#
# COMPACT_ATOMS: atom_id res chain seq x y z
O5' 84E A 5 1.41 -1.69 0.96
P 84E A 5 2.01 -3.20 0.90
OP2 84E A 5 0.89 -4.15 0.69
O3' 84E A 5 0.54 1.86 3.24
C5' 84E A 5 2.28 -0.57 1.11
C4' 84E A 5 1.59 0.79 1.25
S4' 84E A 5 2.91 2.03 1.47
C6' 84E A 5 2.31 3.59 0.71
F1 84E A 5 1.08 3.96 1.17
F2 84E A 5 2.27 3.49 -0.67
F3 84E A 5 3.18 4.62 1.01
O4' 84E A 5 0.92 1.08 0.02
C1' 84E A 5 -0.45 1.29 0.25
N1 84E A 5 -1.25 0.76 -0.88
C6 84E A 5 -1.32 -0.61 -1.09
C5 84E A 5 -1.99 -1.12 -2.15
C7 84E A 5 -2.08 -2.63 -2.32
C4 84E A 5 -2.64 -0.22 -3.11
O4 84E A 5 -3.26 -0.55 -4.13
N3 84E A 5 -2.56 1.12 -2.81
C2 84E A 5 -1.92 1.65 -1.72
O2 84E A 5 -1.96 2.86 -1.53
C3' 84E A 5 0.50 0.74 2.36
C2' 84E A 5 -0.81 0.65 1.58
H5' 84E A 5 2.95 -0.52 0.25
H5'' 84E A 5 2.91 -0.72 1.99
H1' 84E A 5 -0.62 2.37 0.34
H6 84E A 5 -0.81 -1.26 -0.39
H72 84E A 5 -1.53 -3.14 -1.53
H73 84E A 5 -3.12 -2.92 -2.29
H71 84E A 5 -1.66 -2.91 -3.29
H3 84E A 5 -3.03 1.77 -3.43
OP1 84E A 5 2.92 -3.38 2.06
H3' 84E A 5 0.62 -0.19 2.92
H2' 84E A 5 -1.07 -0.40 1.49
H2'' 84E A 5 -1.62 1.17 2.05
O5' 84E A 5 1.42 -1.69 0.96
P 84E A 5 2.02 -3.19 0.89
OP2 84E A 5 0.89 -4.15 0.69
O3' 84E A 5 0.53 1.86 3.24
C5' 84E A 5 2.28 -0.57 1.11
C4' 84E A 5 1.59 0.79 1.25
S4' 84E A 5 2.91 2.04 1.47
C6' 84E A 5 2.31 3.59 0.71
F1 84E A 5 3.18 4.62 1.01
F2 84E A 5 1.08 3.96 1.17
F3 84E A 5 2.27 3.49 -0.67
O4' 84E A 5 0.92 1.08 0.02
C1' 84E A 5 -0.46 1.30 0.25
N1 84E A 5 -1.25 0.76 -0.88
C6 84E A 5 -1.31 -0.61 -1.09
C5 84E A 5 -1.99 -1.12 -2.15
C7 84E A 5 -2.08 -2.61 -2.32
C4 84E A 5 -2.65 -0.21 -3.11
O4 84E A 5 -3.26 -0.53 -4.13
N3 84E A 5 -2.56 1.12 -2.80
C2 84E A 5 -1.92 1.65 -1.72
O2 84E A 5 -1.96 2.87 -1.52
C3' 84E A 5 0.50 0.74 2.36
C2' 84E A 5 -0.81 0.65 1.59
H5' 84E A 5 2.95 -0.52 0.25
H5'' 84E A 5 2.90 -0.72 1.99
H1' 84E A 5 -0.62 2.37 0.35
H6 84E A 5 -0.81 -1.26 -0.39
H72 84E A 5 -1.66 -2.91 -3.29
H73 84E A 5 -1.53 -3.13 -1.52
H71 84E A 5 -3.12 -2.92 -2.29
H3 84E A 5 -3.03 1.77 -3.42
OP1 84E A 5 2.92 -3.38 2.06
H3' 84E A 5 0.62 -0.19 2.92
H2' 84E A 5 -1.07 -0.40 1.49
H2'' 84E A 5 -1.62 1.17 2.06
O5' 84E A 5 1.42 -1.69 0.96
P 84E A 5 2.02 -3.19 0.89
OP2 84E A 5 0.89 -4.15 0.69
O3' 84E A 5 0.54 1.85 3.25
C5' 84E A 5 2.28 -0.57 1.11
C4' 84E A 5 1.59 0.79 1.25
S4' 84E A 5 2.91 2.04 1.47
C6' 84E A 5 2.31 3.59 0.71
F1 84E A 5 3.18 4.62 1.01
F2 84E A 5 1.08 3.96 1.17
F3 84E A 5 2.27 3.49 -0.67
O4' 84E A 5 0.92 1.08 0.02
C1' 84E A 5 -0.45 1.30 0.24
N1 84E A 5 -1.25 0.76 -0.88
C6 84E A 5 -1.31 -0.61 -1.09
C5 84E A 5 -2.00 -1.11 -2.16
C7 84E A 5 -2.08 -2.61 -2.32
C4 84E A 5 -2.65 -0.21 -3.11
O4 84E A 5 -3.27 -0.54 -4.13
N3 84E A 5 -2.56 1.12 -2.81
C2 84E A 5 -1.92 1.65 -1.72
O2 84E A 5 -1.96 2.87 -1.52
C3' 84E A 5 0.50 0.74 2.36
C2' 84E A 5 -0.81 0.65 1.58
H5' 84E A 5 2.95 -0.52 0.25
H5'' 84E A 5 2.90 -0.72 1.99
H1' 84E A 5 -0.62 2.37 0.35
H6 84E A 5 -0.81 -1.26 -0.39
H72 84E A 5 -3.12 -2.92 -2.29
H73 84E A 5 -1.66 -2.91 -3.29
H71 84E A 5 -1.53 -3.14 -1.53
H3 84E A 5 -3.03 1.77 -3.42
OP1 84E A 5 2.92 -3.38 2.06
H3' 84E A 5 0.62 -0.19 2.92
H2' 84E A 5 -1.07 -0.40 1.49
H2'' 84E A 5 -1.62 1.17 2.06
O5' 84E A 5 1.40 -1.84 1.25
P 84E A 5 2.05 -3.32 1.15
OP2 84E A 5 0.96 -4.30 0.91
O3' 84E A 5 0.37 1.63 3.58
C5' 84E A 5 2.23 -0.70 1.44
C4' 84E A 5 1.48 0.65 1.59
S4' 84E A 5 2.69 1.98 1.90
C6' 84E A 5 3.32 2.49 0.25
F1 84E A 5 2.37 3.20 -0.45
F2 84E A 5 3.72 1.41 -0.50
F3 84E A 5 4.40 3.32 0.41
O4' 84E A 5 0.84 0.95 0.36
C1' 84E A 5 -0.54 1.15 0.56
N1 84E A 5 -1.28 0.63 -0.62
C6 84E A 5 -1.33 -0.72 -0.86
C5 84E A 5 -1.98 -1.22 -1.96
C7 84E A 5 -2.02 -2.72 -2.16
C4 84E A 5 -2.60 -0.30 -2.92
O4 84E A 5 -3.18 -0.61 -3.96
N3 84E A 5 -2.51 1.03 -2.59
C2 84E A 5 -1.91 1.55 -1.48
O2 84E A 5 -1.94 2.76 -1.28
C3' 84E A 5 0.38 0.53 2.67
C2' 84E A 5 -0.91 0.44 1.87
H5' 84E A 5 2.91 -0.62 0.58
H5'' 84E A 5 2.84 -0.84 2.33
H1' 84E A 5 -0.72 2.22 0.68
H6 84E A 5 -0.84 -1.40 -0.16
H72 84E A 5 -1.59 -2.97 -3.13
H73 84E A 5 -1.47 -3.24 -1.38
H71 84E A 5 -3.06 -3.04 -2.15
H3 84E A 5 -2.97 1.69 -3.21
OP1 84E A 5 2.94 -3.52 2.32
H3' 84E A 5 0.49 -0.42 3.21
H2' 84E A 5 -1.17 -0.61 1.72
H2'' 84E A 5 -1.75 0.94 2.33
O5' 84E A 5 1.40 -1.84 1.25
P 84E A 5 2.05 -3.32 1.15
OP2 84E A 5 0.96 -4.30 0.91
O3' 84E A 5 0.37 1.62 3.57
C5' 84E A 5 2.23 -0.70 1.44
C4' 84E A 5 1.48 0.64 1.59
S4' 84E A 5 2.69 1.98 1.90
C6' 84E A 5 3.32 2.48 0.26
F1 84E A 5 4.41 3.31 0.41
F2 84E A 5 2.37 3.20 -0.45
F3 84E A 5 3.72 1.41 -0.50
O4' 84E A 5 0.84 0.95 0.36
C1' 84E A 5 -0.54 1.15 0.56
N1 84E A 5 -1.28 0.63 -0.62
C6 84E A 5 -1.33 -0.73 -0.86
C5 84E A 5 -1.97 -1.21 -1.96
C7 84E A 5 -2.02 -2.72 -2.16
C4 84E A 5 -2.60 -0.31 -2.91
O4 84E A 5 -3.18 -0.62 -3.96
N3 84E A 5 -2.51 1.03 -2.59
C2 84E A 5 -1.91 1.54 -1.48
O2 84E A 5 -1.94 2.75 -1.29
C3' 84E A 5 0.38 0.53 2.67
C2' 84E A 5 -0.91 0.44 1.87
H5' 84E A 5 2.91 -0.63 0.59
H5'' 84E A 5 2.84 -0.84 2.33
H1' 84E A 5 -0.72 2.22 0.68
H6 84E A 5 -0.84 -1.40 -0.16
H72 84E A 5 -1.59 -2.98 -3.13
H73 84E A 5 -1.47 -3.24 -1.38
H71 84E A 5 -3.06 -3.04 -2.15
H3 84E A 5 -2.96 1.68 -3.22
OP1 84E A 5 2.94 -3.52 2.32
H3' 84E A 5 0.49 -0.42 3.21
H2' 84E A 5 -1.16 -0.62 1.73
H2'' 84E A 5 -1.75 0.94 2.33
O5' 84E A 5 1.41 -1.69 0.97
P 84E A 5 2.01 -3.19 0.89
OP2 84E A 5 0.89 -4.14 0.69
O3' 84E A 5 0.53 1.86 3.24
C5' 84E A 5 2.28 -0.56 1.10
C4' 84E A 5 1.58 0.80 1.24
S4' 84E A 5 2.91 2.04 1.47
C6' 84E A 5 2.31 3.59 0.71
F1 84E A 5 2.26 3.50 -0.67
F2 84E A 5 3.18 4.62 1.01
F3 84E A 5 1.08 3.96 1.17
O4' 84E A 5 0.92 1.08 0.02
C1' 84E A 5 -0.46 1.30 0.25
N1 84E A 5 -1.25 0.76 -0.88
C6 84E A 5 -1.31 -0.60 -1.09
C5 84E A 5 -2.00 -1.11 -2.16
C7 84E A 5 -2.08 -2.61 -2.32
C4 84E A 5 -2.65 -0.21 -3.11
O4 84E A 5 -3.26 -0.53 -4.13
N3 84E A 5 -2.56 1.13 -2.80
C2 84E A 5 -1.92 1.66 -1.71
O2 84E A 5 -1.97 2.88 -1.53
C3' 84E A 5 0.50 0.75 2.36
C2' 84E A 5 -0.81 0.65 1.59
H5' 84E A 5 2.95 -0.52 0.25
H5'' 84E A 5 2.90 -0.71 1.99
H1' 84E A 5 -0.62 2.37 0.35
H6 84E A 5 -0.81 -1.26 -0.39
H72 84E A 5 -1.67 -2.90 -3.28
H73 84E A 5 -1.53 -3.13 -1.52
H71 84E A 5 -3.12 -2.92 -2.29
H3 84E A 5 -3.03 1.77 -3.42
OP1 84E A 5 2.92 -3.38 2.06
H3' 84E A 5 0.62 -0.19 2.92
H2' 84E A 5 -1.07 -0.40 1.49
H2'' 84E A 5 -1.62 1.18 2.06
O5' 84E A 5 1.40 -1.84 1.25
P 84E A 5 2.05 -3.32 1.15
OP2 84E A 5 0.95 -4.29 0.91
O3' 84E A 5 0.38 1.63 3.57
C5' 84E A 5 2.23 -0.70 1.44
C4' 84E A 5 1.48 0.65 1.59
S4' 84E A 5 2.70 1.98 1.89
C6' 84E A 5 3.32 2.48 0.26
F1 84E A 5 2.37 3.20 -0.45
F2 84E A 5 3.73 1.41 -0.51
F3 84E A 5 4.40 3.32 0.41
O4' 84E A 5 0.84 0.95 0.36
C1' 84E A 5 -0.54 1.15 0.56
N1 84E A 5 -1.28 0.63 -0.62
C6 84E A 5 -1.33 -0.72 -0.86
C5 84E A 5 -1.97 -1.21 -1.96
C7 84E A 5 -2.02 -2.72 -2.16
C4 84E A 5 -2.60 -0.31 -2.91
O4 84E A 5 -3.18 -0.62 -3.96
N3 84E A 5 -2.51 1.03 -2.59
C2 84E A 5 -1.91 1.55 -1.48
O2 84E A 5 -1.94 2.76 -1.29
C3' 84E A 5 0.38 0.53 2.67
C2' 84E A 5 -0.91 0.44 1.87
H5' 84E A 5 2.91 -0.62 0.58
H5'' 84E A 5 2.84 -0.84 2.33
H1' 84E A 5 -0.72 2.22 0.68
H6 84E A 5 -0.84 -1.40 -0.16
H72 84E A 5 -1.59 -2.98 -3.13
H73 84E A 5 -1.47 -3.24 -1.38
H71 84E A 5 -3.06 -3.04 -2.15
H3 84E A 5 -2.96 1.68 -3.22
OP1 84E A 5 2.94 -3.52 2.32
H3' 84E A 5 0.49 -0.42 3.21
H2' 84E A 5 -1.16 -0.60 1.72
H2'' 84E A 5 -1.75 0.94 2.33
O5' 84E A 5 1.40 -1.83 1.25
P 84E A 5 2.04 -3.31 1.15
OP2 84E A 5 0.95 -4.29 0.91
O3' 84E A 5 0.37 1.64 3.58
C5' 84E A 5 2.23 -0.70 1.44
C4' 84E A 5 1.48 0.65 1.59
S4' 84E A 5 2.70 1.99 1.90
C6' 84E A 5 3.31 2.49 0.26
F1 84E A 5 2.37 3.20 -0.45
F2 84E A 5 3.72 1.41 -0.50
F3 84E A 5 4.41 3.32 0.42
O4' 84E A 5 0.84 0.95 0.36
C1' 84E A 5 -0.54 1.15 0.56
N1 84E A 5 -1.28 0.63 -0.62
C6 84E A 5 -1.33 -0.72 -0.86
C5 84E A 5 -1.97 -1.21 -1.96
C7 84E A 5 -2.02 -2.72 -2.16
C4 84E A 5 -2.60 -0.30 -2.92
O4 84E A 5 -3.18 -0.61 -3.96
N3 84E A 5 -2.51 1.03 -2.59
C2 84E A 5 -1.91 1.55 -1.47
O2 84E A 5 -1.94 2.76 -1.28
C3' 84E A 5 0.38 0.53 2.67
C2' 84E A 5 -0.91 0.45 1.86
H5' 84E A 5 2.91 -0.62 0.59
H5'' 84E A 5 2.84 -0.84 2.33
H1' 84E A 5 -0.72 2.22 0.68
H6 84E A 5 -0.84 -1.40 -0.16
H72 84E A 5 -3.07 -3.04 -2.15
H73 84E A 5 -1.59 -2.97 -3.13
H71 84E A 5 -1.48 -3.24 -1.37
H3 84E A 5 -2.97 1.69 -3.21
OP1 84E A 5 2.94 -3.51 2.32
H3' 84E A 5 0.49 -0.41 3.20
H2' 84E A 5 -1.16 -0.60 1.72
H2'' 84E A 5 -1.75 0.94 2.33
O5' 84E A 5 1.39 -1.83 1.26
P 84E A 5 2.04 -3.31 1.15
OP2 84E A 5 0.95 -4.29 0.91
O3' 84E A 5 0.37 1.64 3.58
C5' 84E A 5 2.23 -0.70 1.44
C4' 84E A 5 1.48 0.65 1.59
S4' 84E A 5 2.70 1.99 1.90
C6' 84E A 5 3.31 2.49 0.26
F1 84E A 5 4.41 3.32 0.42
F2 84E A 5 2.37 3.20 -0.45
F3 84E A 5 3.72 1.41 -0.50
O4' 84E A 5 0.85 0.96 0.37
C1' 84E A 5 -0.54 1.15 0.56
N1 84E A 5 -1.28 0.63 -0.62
C6 84E A 5 -1.33 -0.72 -0.86
C5 84E A 5 -1.97 -1.21 -1.96
C7 84E A 5 -2.02 -2.72 -2.16
C4 84E A 5 -2.60 -0.30 -2.92
O4 84E A 5 -3.19 -0.61 -3.95
N3 84E A 5 -2.51 1.03 -2.59
C2 84E A 5 -1.90 1.55 -1.47
O2 84E A 5 -1.94 2.76 -1.28
C3' 84E A 5 0.38 0.53 2.67
C2' 84E A 5 -0.91 0.45 1.86
H5' 84E A 5 2.91 -0.62 0.59
H5'' 84E A 5 2.84 -0.84 2.34
H1' 84E A 5 -0.72 2.22 0.69
H6 84E A 5 -0.84 -1.40 -0.16
H72 84E A 5 -1.59 -2.97 -3.13
H73 84E A 5 -1.48 -3.24 -1.37
H71 84E A 5 -3.06 -3.04 -2.15
H3 84E A 5 -2.97 1.69 -3.21
OP1 84E A 5 2.94 -3.51 2.32
H3' 84E A 5 0.49 -0.41 3.20
H2' 84E A 5 -1.16 -0.60 1.72
H2'' 84E A 5 -1.75 0.94 2.33
O5' 84E A 5 1.40 -1.83 1.25
P 84E A 5 2.04 -3.31 1.15
OP2 84E A 5 0.95 -4.29 0.91
O3' 84E A 5 0.37 1.64 3.58
C5' 84E A 5 2.23 -0.70 1.44
C4' 84E A 5 1.48 0.65 1.59
S4' 84E A 5 2.70 1.99 1.90
C6' 84E A 5 3.32 2.49 0.25
F1 84E A 5 3.72 1.41 -0.50
F2 84E A 5 4.41 3.32 0.41
F3 84E A 5 2.37 3.20 -0.45
O4' 84E A 5 0.85 0.95 0.36
C1' 84E A 5 -0.54 1.15 0.55
N1 84E A 5 -1.28 0.63 -0.62
C6 84E A 5 -1.33 -0.72 -0.86
C5 84E A 5 -1.97 -1.21 -1.96
C7 84E A 5 -2.02 -2.72 -2.16
C4 84E A 5 -2.60 -0.30 -2.92
O4 84E A 5 -3.18 -0.61 -3.96
N3 84E A 5 -2.52 1.03 -2.59
C2 84E A 5 -1.91 1.55 -1.48
O2 84E A 5 -1.94 2.76 -1.28
C3' 84E A 5 0.38 0.53 2.67
C2' 84E A 5 -0.91 0.45 1.86
H5' 84E A 5 2.91 -0.62 0.59
H5'' 84E A 5 2.84 -0.84 2.33
H1' 84E A 5 -0.72 2.22 0.68
H6 84E A 5 -0.85 -1.39 -0.16
H72 84E A 5 -3.07 -3.04 -2.15
H73 84E A 5 -1.59 -2.97 -3.13
H71 84E A 5 -1.48 -3.24 -1.37
H3 84E A 5 -2.97 1.69 -3.21
OP1 84E A 5 2.94 -3.51 2.32
H3' 84E A 5 0.49 -0.41 3.20
H2' 84E A 5 -1.16 -0.60 1.72
H2'' 84E A 5 -1.75 0.94 2.33
#